data_2PCU
#
_entry.id   2PCU
#
_cell.length_a   50.304
_cell.length_b   72.494
_cell.length_c   81.575
_cell.angle_alpha   90.000
_cell.angle_beta   90.000
_cell.angle_gamma   90.000
#
_symmetry.space_group_name_H-M   'P 21 21 21'
#
loop_
_entity.id
_entity.type
_entity.pdbx_description
1 polymer 'Carboxypeptidase A4'
2 polymer peptide
3 non-polymer 2-acetamido-2-deoxy-beta-D-glucopyranose
4 non-polymer 'ZINC ION'
5 non-polymer 'THIOCYANATE ION'
6 non-polymer GLYCEROL
7 non-polymer 'ASPARTIC ACID'
8 water water
#
loop_
_entity_poly.entity_id
_entity_poly.type
_entity_poly.pdbx_seq_one_letter_code
_entity_poly.pdbx_strand_id
1 'polypeptide(L)'
;NNFNYGAYHSLEAIYHEMDNIAADFPDLARRVKIGHSFENRPMYVLKFSTGKGVRRPAVWLNAGIHSREWISQATAIWTA
RKIVSDYQRDPAITSILEKMDIFLLPVANPDGYVYTQTQNRLWRKTRSRNPGSSCIGADPNRNWNASFAGKGASDNPCSE
VYHGPHANSEVEVKSVVDFIQKHGNFKGFIDLHSYSQLLMYPYGYSVKKAPDAEELDKVARLAAKALASVSGTEYQVGPT
CTTVYPASGSSIDWAYDNGIKFAFTFELRDTGTYGFLLPANQIIPTAEETWLGLKTIMEHVRDNL
;
A
2 'polypeptide(L)' FNRPV B
#
# COMPACT_ATOMS: atom_id res chain seq x y z
N ASN A 1 9.17 22.52 7.90
CA ASN A 1 8.58 22.37 9.26
C ASN A 1 9.24 21.25 10.06
N ASN A 2 8.57 20.83 11.13
CA ASN A 2 9.15 19.91 12.13
C ASN A 2 8.77 18.44 11.99
N PHE A 3 9.06 17.86 10.83
CA PHE A 3 8.88 16.43 10.63
C PHE A 3 10.09 15.89 9.89
N ASN A 4 10.85 15.05 10.56
CA ASN A 4 12.03 14.42 9.95
C ASN A 4 11.64 13.20 9.09
N TYR A 5 11.73 13.34 7.77
CA TYR A 5 11.33 12.24 6.87
C TYR A 5 12.32 11.07 6.86
N GLY A 6 13.48 11.29 7.48
CA GLY A 6 14.47 10.23 7.64
C GLY A 6 14.43 9.54 8.98
N ALA A 7 13.30 9.64 9.68
CA ALA A 7 13.09 8.95 10.96
C ALA A 7 11.76 8.23 10.89
N TYR A 8 11.58 7.23 11.75
CA TYR A 8 10.28 6.62 11.93
C TYR A 8 9.43 7.41 12.94
N HIS A 9 8.12 7.45 12.73
CA HIS A 9 7.25 8.32 13.51
C HIS A 9 6.02 7.63 14.06
N SER A 10 5.47 8.27 15.09
CA SER A 10 4.24 7.82 15.72
C SER A 10 3.07 8.01 14.77
N LEU A 11 1.98 7.28 15.03
CA LEU A 11 0.77 7.47 14.24
C LEU A 11 0.33 8.94 14.29
N GLU A 12 0.29 9.52 15.49
CA GLU A 12 -0.18 10.91 15.62
C GLU A 12 0.68 11.85 14.81
N ALA A 13 1.99 11.59 14.76
CA ALA A 13 2.91 12.50 14.03
C ALA A 13 2.68 12.40 12.53
N ILE A 14 2.44 11.19 12.08
CA ILE A 14 2.16 10.95 10.66
C ILE A 14 0.85 11.69 10.30
N TYR A 15 -0.19 11.48 11.11
CA TYR A 15 -1.49 12.10 10.79
C TYR A 15 -1.34 13.63 10.83
N HIS A 16 -0.57 14.13 11.78
CA HIS A 16 -0.33 15.57 11.82
C HIS A 16 0.36 16.07 10.56
N GLU A 17 1.37 15.37 10.08
CA GLU A 17 2.06 15.79 8.85
C GLU A 17 1.13 15.73 7.65
N MET A 18 0.26 14.71 7.58
CA MET A 18 -0.78 14.70 6.56
C MET A 18 -1.65 15.93 6.60
N ASP A 19 -2.05 16.36 7.79
CA ASP A 19 -2.86 17.57 7.91
C ASP A 19 -2.06 18.79 7.45
N ASN A 20 -0.77 18.81 7.80
CA ASN A 20 0.12 19.91 7.37
C ASN A 20 0.23 20.03 5.87
N ILE A 21 0.36 18.89 5.19
CA ILE A 21 0.41 18.84 3.72
C ILE A 21 -0.89 19.36 3.10
N ALA A 22 -2.03 18.92 3.62
CA ALA A 22 -3.32 19.42 3.12
C ALA A 22 -3.50 20.91 3.36
N ALA A 23 -3.05 21.40 4.51
CA ALA A 23 -3.19 22.81 4.85
C ALA A 23 -2.28 23.68 3.98
N ASP A 24 -1.10 23.18 3.62
CA ASP A 24 -0.11 23.99 2.88
C ASP A 24 -0.40 24.01 1.37
N PHE A 25 -1.16 23.03 0.90
CA PHE A 25 -1.49 22.89 -0.53
C PHE A 25 -2.97 22.63 -0.73
N PRO A 26 -3.83 23.53 -0.25
CA PRO A 26 -5.24 23.23 -0.14
C PRO A 26 -5.96 23.08 -1.50
N ASP A 27 -5.37 23.57 -2.59
CA ASP A 27 -5.97 23.41 -3.92
C ASP A 27 -5.50 22.11 -4.56
N LEU A 28 -4.58 21.39 -3.91
CA LEU A 28 -4.05 20.13 -4.48
C LEU A 28 -4.33 18.94 -3.61
N ALA A 29 -4.18 19.09 -2.29
CA ALA A 29 -4.19 17.94 -1.39
C ALA A 29 -5.29 18.15 -0.35
N ARG A 30 -6.06 17.09 -0.10
CA ARG A 30 -7.10 17.15 0.92
C ARG A 30 -7.02 15.89 1.76
N ARG A 31 -7.18 16.02 3.09
CA ARG A 31 -7.18 14.84 3.94
C ARG A 31 -8.60 14.35 4.09
N VAL A 32 -8.85 13.07 3.82
CA VAL A 32 -10.23 12.55 3.83
C VAL A 32 -10.23 11.38 4.84
N LYS A 33 -11.17 11.38 5.78
CA LYS A 33 -11.38 10.21 6.65
C LYS A 33 -12.21 9.20 5.90
N ILE A 34 -11.73 7.96 5.79
CA ILE A 34 -12.45 6.94 4.99
C ILE A 34 -13.09 5.89 5.86
N GLY A 35 -12.82 5.96 7.16
CA GLY A 35 -13.35 4.94 8.07
C GLY A 35 -12.59 5.00 9.36
N HIS A 36 -12.60 3.89 10.07
CA HIS A 36 -12.00 3.85 11.40
C HIS A 36 -11.52 2.45 11.59
N SER A 37 -10.67 2.28 12.60
CA SER A 37 -10.10 0.99 12.88
C SER A 37 -10.96 0.30 13.97
N PHE A 38 -10.63 -0.95 14.26
CA PHE A 38 -11.30 -1.69 15.34
C PHE A 38 -11.32 -0.95 16.65
N GLU A 39 -10.22 -0.29 17.00
CA GLU A 39 -10.13 0.48 18.25
C GLU A 39 -10.57 1.94 18.11
N ASN A 40 -11.28 2.23 17.02
CA ASN A 40 -11.89 3.55 16.75
C ASN A 40 -10.85 4.65 16.56
N ARG A 41 -9.73 4.29 15.92
CA ARG A 41 -8.84 5.32 15.41
C ARG A 41 -9.27 5.67 13.98
N PRO A 42 -9.18 6.96 13.61
CA PRO A 42 -9.58 7.33 12.23
C PRO A 42 -8.65 6.77 11.19
N MET A 43 -9.19 6.41 10.02
CA MET A 43 -8.36 6.07 8.88
C MET A 43 -8.37 7.25 7.93
N TYR A 44 -7.19 7.79 7.63
CA TYR A 44 -7.07 9.00 6.78
C TYR A 44 -6.31 8.75 5.51
N VAL A 45 -6.85 9.28 4.40
CA VAL A 45 -6.11 9.31 3.16
C VAL A 45 -5.81 10.72 2.78
N LEU A 46 -4.82 10.89 1.94
CA LEU A 46 -4.67 12.18 1.27
C LEU A 46 -5.11 11.96 -0.18
N LYS A 47 -5.95 12.86 -0.69
CA LYS A 47 -6.33 12.88 -2.09
C LYS A 47 -5.62 14.05 -2.76
N PHE A 48 -4.89 13.75 -3.83
CA PHE A 48 -4.19 14.78 -4.61
C PHE A 48 -4.97 14.86 -5.90
N SER A 49 -5.37 16.03 -6.20
CA SER A 49 -6.27 16.26 -7.42
C SER A 49 -6.19 17.68 -7.95
N THR A 50 -6.32 17.83 -9.25
CA THR A 50 -6.23 19.15 -9.89
C THR A 50 -7.46 19.50 -10.68
N GLY A 51 -8.47 18.67 -10.60
CA GLY A 51 -9.61 18.92 -11.49
C GLY A 51 -10.87 18.69 -10.71
N LYS A 52 -11.93 19.34 -11.14
CA LYS A 52 -13.19 19.33 -10.45
C LYS A 52 -14.16 18.59 -11.33
N GLY A 53 -13.62 17.79 -12.25
CA GLY A 53 -14.44 16.89 -13.01
C GLY A 53 -15.20 15.97 -12.08
N VAL A 54 -16.27 15.38 -12.57
CA VAL A 54 -16.86 14.27 -11.90
C VAL A 54 -16.27 12.99 -12.54
N ARG A 55 -16.19 11.93 -11.75
CA ARG A 55 -15.70 10.65 -12.23
C ARG A 55 -14.28 10.70 -12.84
N ARG A 56 -13.40 11.53 -12.29
CA ARG A 56 -12.03 11.56 -12.77
C ARG A 56 -11.37 10.22 -12.45
N PRO A 57 -10.55 9.68 -13.34
CA PRO A 57 -9.88 8.40 -13.06
C PRO A 57 -8.99 8.57 -11.82
N ALA A 58 -8.76 7.44 -11.10
CA ALA A 58 -8.00 7.54 -9.87
C ALA A 58 -7.01 6.37 -9.74
N VAL A 59 -5.99 6.61 -8.95
CA VAL A 59 -5.11 5.48 -8.51
C VAL A 59 -5.08 5.45 -6.98
N TRP A 60 -5.03 4.25 -6.42
CA TRP A 60 -5.01 4.09 -4.96
C TRP A 60 -3.61 3.59 -4.57
N LEU A 61 -2.96 4.29 -3.65
CA LEU A 61 -1.65 3.86 -3.09
C LEU A 61 -1.82 3.51 -1.64
N ASN A 62 -1.56 2.25 -1.32
CA ASN A 62 -1.85 1.67 -0.02
C ASN A 62 -0.53 1.36 0.70
N ALA A 63 -0.42 1.69 1.97
CA ALA A 63 0.76 1.30 2.73
C ALA A 63 0.40 0.93 4.15
N GLY A 64 1.29 0.18 4.76
CA GLY A 64 1.16 -0.12 6.19
C GLY A 64 0.01 -1.02 6.54
N ILE A 65 -0.36 -1.93 5.65
CA ILE A 65 -1.44 -2.84 6.02
C ILE A 65 -0.92 -3.83 7.04
N HIS A 66 0.39 -4.13 6.96
CA HIS A 66 1.06 -4.98 7.97
C HIS A 66 1.94 -4.14 8.83
N SER A 67 1.55 -4.07 10.09
CA SER A 67 2.05 -3.00 10.89
C SER A 67 3.56 -2.99 11.13
N ARG A 68 4.21 -4.15 11.16
CA ARG A 68 5.67 -4.22 11.40
C ARG A 68 6.53 -3.72 10.22
N GLU A 69 5.89 -3.46 9.08
CA GLU A 69 6.67 -3.17 7.83
C GLU A 69 6.85 -1.65 7.77
N TRP A 70 7.58 -1.13 8.75
CA TRP A 70 7.67 0.29 8.99
C TRP A 70 8.16 1.10 7.79
N ILE A 71 8.99 0.49 6.95
CA ILE A 71 9.49 1.25 5.80
C ILE A 71 8.31 1.63 4.86
N SER A 72 7.22 0.88 4.89
CA SER A 72 6.07 1.19 4.01
C SER A 72 5.37 2.51 4.44
N GLN A 73 5.09 2.70 5.73
CA GLN A 73 4.42 3.93 6.17
C GLN A 73 5.39 5.08 6.01
N ALA A 74 6.67 4.86 6.28
CA ALA A 74 7.67 5.93 6.13
C ALA A 74 7.81 6.35 4.67
N THR A 75 7.78 5.38 3.76
CA THR A 75 7.89 5.68 2.33
C THR A 75 6.62 6.43 1.87
N ALA A 76 5.46 6.00 2.39
CA ALA A 76 4.21 6.68 2.03
C ALA A 76 4.15 8.13 2.45
N ILE A 77 4.56 8.44 3.68
CA ILE A 77 4.47 9.85 4.09
C ILE A 77 5.49 10.73 3.33
N TRP A 78 6.66 10.18 3.01
CA TRP A 78 7.62 10.86 2.19
C TRP A 78 6.99 11.12 0.80
N THR A 79 6.28 10.10 0.28
CA THR A 79 5.67 10.21 -1.08
C THR A 79 4.65 11.37 -1.11
N ALA A 80 3.85 11.49 -0.05
CA ALA A 80 2.90 12.63 0.08
C ALA A 80 3.61 13.95 -0.08
N ARG A 81 4.73 14.10 0.61
CA ARG A 81 5.49 15.35 0.54
C ARG A 81 6.10 15.50 -0.85
N LYS A 82 6.56 14.42 -1.45
CA LYS A 82 7.17 14.49 -2.77
C LYS A 82 6.16 14.95 -3.84
N ILE A 83 4.94 14.47 -3.75
CA ILE A 83 3.91 14.80 -4.75
C ILE A 83 3.64 16.31 -4.68
N VAL A 84 3.40 16.83 -3.49
CA VAL A 84 3.11 18.25 -3.38
C VAL A 84 4.31 19.17 -3.72
N SER A 85 5.51 18.71 -3.36
CA SER A 85 6.73 19.46 -3.66
C SER A 85 7.00 19.54 -5.15
N ASP A 86 6.76 18.45 -5.87
CA ASP A 86 7.16 18.40 -7.24
C ASP A 86 6.08 18.85 -8.25
N TYR A 87 4.84 18.97 -7.78
CA TYR A 87 3.75 19.49 -8.63
C TYR A 87 4.15 20.87 -9.18
N GLN A 88 4.07 21.01 -10.53
CA GLN A 88 4.46 22.20 -11.28
C GLN A 88 5.96 22.46 -11.25
N ARG A 89 6.71 21.40 -10.85
CA ARG A 89 8.21 21.46 -10.93
C ARG A 89 8.76 20.26 -11.70
N ASP A 90 7.90 19.29 -11.99
CA ASP A 90 8.29 18.08 -12.71
C ASP A 90 7.13 17.78 -13.65
N PRO A 91 7.31 17.84 -14.99
CA PRO A 91 6.20 17.54 -15.87
C PRO A 91 5.59 16.14 -15.69
N ALA A 92 6.36 15.18 -15.18
CA ALA A 92 5.84 13.79 -15.06
C ALA A 92 4.76 13.77 -14.01
N ILE A 93 5.07 14.16 -12.78
CA ILE A 93 4.01 14.12 -11.76
C ILE A 93 2.89 15.13 -12.06
N THR A 94 3.24 16.26 -12.68
CA THR A 94 2.24 17.24 -13.09
C THR A 94 1.26 16.73 -14.10
N SER A 95 1.74 16.01 -15.11
CA SER A 95 0.83 15.47 -16.09
C SER A 95 0.09 14.24 -15.58
N ILE A 96 0.71 13.48 -14.68
CA ILE A 96 -0.06 12.44 -13.99
C ILE A 96 -1.26 13.06 -13.29
N LEU A 97 -1.02 14.10 -12.50
CA LEU A 97 -2.08 14.78 -11.76
C LEU A 97 -3.08 15.51 -12.67
N GLU A 98 -2.62 15.89 -13.86
CA GLU A 98 -3.49 16.45 -14.90
C GLU A 98 -4.62 15.51 -15.25
N LYS A 99 -4.30 14.21 -15.29
CA LYS A 99 -5.18 13.22 -15.90
C LYS A 99 -5.86 12.32 -14.87
N MET A 100 -5.34 12.28 -13.66
CA MET A 100 -5.90 11.37 -12.63
C MET A 100 -5.72 11.89 -11.23
N ASP A 101 -6.59 11.43 -10.33
CA ASP A 101 -6.42 11.72 -8.90
C ASP A 101 -5.60 10.64 -8.28
N ILE A 102 -4.88 10.98 -7.23
CA ILE A 102 -4.12 9.97 -6.50
C ILE A 102 -4.62 9.95 -5.07
N PHE A 103 -4.98 8.77 -4.54
CA PHE A 103 -5.38 8.62 -3.13
C PHE A 103 -4.23 7.84 -2.48
N LEU A 104 -3.79 8.34 -1.32
CA LEU A 104 -2.67 7.75 -0.57
C LEU A 104 -3.07 7.45 0.83
N LEU A 105 -2.97 6.18 1.21
CA LEU A 105 -3.30 5.73 2.59
C LEU A 105 -2.00 5.30 3.30
N PRO A 106 -1.35 6.20 4.03
CA PRO A 106 -0.04 5.82 4.60
C PRO A 106 -0.10 4.80 5.69
N VAL A 107 -1.19 4.77 6.45
CA VAL A 107 -1.27 3.75 7.54
C VAL A 107 -2.58 2.98 7.44
N ALA A 108 -2.57 1.87 6.70
CA ALA A 108 -3.79 1.14 6.45
C ALA A 108 -4.21 0.28 7.67
N ASN A 109 -3.31 0.12 8.65
CA ASN A 109 -3.61 -0.63 9.90
C ASN A 109 -3.12 0.15 11.10
N PRO A 110 -3.88 1.18 11.50
CA PRO A 110 -3.42 2.07 12.58
C PRO A 110 -3.28 1.39 13.92
N ASP A 111 -4.20 0.49 14.26
CA ASP A 111 -4.13 -0.17 15.58
C ASP A 111 -2.88 -1.05 15.69
N GLY A 112 -2.59 -1.78 14.60
CA GLY A 112 -1.40 -2.62 14.56
C GLY A 112 -0.16 -1.72 14.69
N TYR A 113 -0.16 -0.56 14.01
CA TYR A 113 1.04 0.27 14.02
C TYR A 113 1.29 0.79 15.44
N VAL A 114 0.24 1.27 16.11
CA VAL A 114 0.42 1.67 17.50
C VAL A 114 0.95 0.53 18.34
N TYR A 115 0.44 -0.68 18.12
CA TYR A 115 0.92 -1.84 18.87
C TYR A 115 2.42 -2.09 18.63
N THR A 116 2.89 -1.92 17.39
CA THR A 116 4.33 -2.14 17.11
C THR A 116 5.21 -1.11 17.76
N GLN A 117 4.65 0.06 18.04
CA GLN A 117 5.40 1.16 18.67
C GLN A 117 5.38 1.09 20.19
N THR A 118 4.43 0.36 20.76
CA THR A 118 4.19 0.41 22.20
C THR A 118 4.33 -0.94 22.90
N GLN A 119 4.16 -2.06 22.16
CA GLN A 119 4.04 -3.38 22.76
C GLN A 119 4.84 -4.53 22.13
N ASN A 120 4.79 -4.62 20.80
CA ASN A 120 5.46 -5.74 20.08
C ASN A 120 5.80 -5.26 18.69
N ARG A 121 7.08 -4.92 18.48
CA ARG A 121 7.56 -4.39 17.22
C ARG A 121 7.28 -5.31 16.02
N LEU A 122 7.06 -6.60 16.27
CA LEU A 122 6.83 -7.57 15.19
C LEU A 122 5.39 -7.92 14.93
N TRP A 123 4.48 -7.12 15.50
CA TRP A 123 3.06 -7.35 15.25
C TRP A 123 2.76 -7.09 13.75
N ARG A 124 1.99 -8.00 13.14
CA ARG A 124 1.58 -7.95 11.71
C ARG A 124 0.08 -7.60 11.46
N LYS A 125 -0.76 -8.22 12.29
CA LYS A 125 -2.19 -8.25 12.03
C LYS A 125 -2.92 -7.00 12.51
N THR A 126 -4.24 -7.01 12.32
CA THR A 126 -5.08 -6.02 13.03
C THR A 126 -5.08 -6.32 14.53
N ARG A 127 -5.87 -5.54 15.30
CA ARG A 127 -6.02 -5.82 16.73
C ARG A 127 -7.47 -6.15 17.10
N SER A 128 -8.23 -6.67 16.15
CA SER A 128 -9.61 -7.06 16.45
C SER A 128 -9.73 -8.30 17.34
N ARG A 129 -10.83 -8.33 18.09
CA ARG A 129 -11.09 -9.42 18.98
C ARG A 129 -11.62 -10.60 18.16
N ASN A 130 -11.27 -11.81 18.59
CA ASN A 130 -11.69 -13.04 17.95
C ASN A 130 -12.55 -13.80 18.98
N PRO A 131 -13.88 -13.71 18.88
CA PRO A 131 -14.71 -14.43 19.89
C PRO A 131 -14.42 -15.91 19.96
N GLY A 132 -14.31 -16.43 21.16
CA GLY A 132 -13.94 -17.82 21.35
C GLY A 132 -12.43 -18.10 21.38
N SER A 133 -11.64 -17.07 21.16
CA SER A 133 -10.17 -17.15 21.19
C SER A 133 -9.57 -16.04 22.07
N SER A 134 -8.44 -16.32 22.70
CA SER A 134 -7.68 -15.23 23.31
C SER A 134 -6.70 -14.57 22.31
N CYS A 135 -6.55 -15.18 21.14
CA CYS A 135 -5.64 -14.65 20.09
C CYS A 135 -6.28 -13.46 19.44
N ILE A 136 -5.51 -12.42 19.16
CA ILE A 136 -6.03 -11.14 18.67
C ILE A 136 -5.67 -10.93 17.20
N GLY A 137 -6.58 -10.38 16.41
CA GLY A 137 -6.20 -9.85 15.09
C GLY A 137 -6.40 -10.83 13.95
N ALA A 138 -6.63 -10.26 12.76
CA ALA A 138 -6.65 -11.00 11.51
C ALA A 138 -5.63 -10.35 10.59
N ASP A 139 -5.14 -11.12 9.62
CA ASP A 139 -4.24 -10.60 8.59
C ASP A 139 -5.08 -9.83 7.59
N PRO A 140 -4.93 -8.50 7.57
CA PRO A 140 -5.80 -7.71 6.68
C PRO A 140 -5.51 -8.03 5.24
N ASN A 141 -4.32 -8.56 4.92
CA ASN A 141 -4.03 -8.90 3.53
C ASN A 141 -4.40 -10.32 3.17
N ARG A 142 -5.23 -10.97 3.99
CA ARG A 142 -5.92 -12.21 3.61
C ARG A 142 -7.43 -12.03 3.74
N ASN A 143 -7.89 -10.82 4.02
CA ASN A 143 -9.25 -10.54 4.44
C ASN A 143 -10.11 -10.02 3.26
N TRP A 144 -9.48 -9.79 2.11
CA TRP A 144 -10.22 -9.24 0.95
C TRP A 144 -11.02 -10.32 0.21
N ASN A 145 -12.06 -9.89 -0.50
CA ASN A 145 -12.99 -10.84 -1.07
C ASN A 145 -12.47 -11.26 -2.43
N ALA A 146 -11.38 -12.00 -2.42
CA ALA A 146 -10.75 -12.50 -3.61
C ALA A 146 -10.24 -13.88 -3.29
N SER A 147 -11.04 -14.88 -3.66
CA SER A 147 -10.80 -16.27 -3.27
C SER A 147 -10.60 -16.35 -1.76
N PHE A 148 -11.43 -15.63 -1.03
CA PHE A 148 -11.36 -15.66 0.42
C PHE A 148 -11.28 -17.07 0.99
N ALA A 149 -10.36 -17.26 1.94
CA ALA A 149 -10.22 -18.55 2.66
C ALA A 149 -9.71 -19.64 1.74
N GLY A 150 -8.94 -19.20 0.75
CA GLY A 150 -8.20 -20.08 -0.15
C GLY A 150 -6.79 -20.32 0.33
N LYS A 151 -5.85 -20.52 -0.60
CA LYS A 151 -4.45 -20.84 -0.29
C LYS A 151 -3.73 -19.76 0.48
N GLY A 152 -2.78 -20.17 1.28
CA GLY A 152 -1.86 -19.26 1.96
C GLY A 152 -2.53 -18.46 3.06
N ALA A 153 -3.72 -18.86 3.49
CA ALA A 153 -4.35 -18.20 4.63
C ALA A 153 -4.69 -19.25 5.66
N SER A 154 -5.06 -18.85 6.87
CA SER A 154 -5.39 -19.85 7.89
C SER A 154 -6.76 -19.60 8.49
N ASP A 155 -7.44 -20.67 8.92
CA ASP A 155 -8.72 -20.58 9.66
C ASP A 155 -8.47 -20.34 11.16
N ASN A 156 -7.20 -20.39 11.56
CA ASN A 156 -6.82 -20.33 12.96
C ASN A 156 -6.58 -18.91 13.43
N PRO A 157 -7.37 -18.43 14.40
CA PRO A 157 -7.17 -17.00 14.76
C PRO A 157 -5.81 -16.68 15.31
N CYS A 158 -5.07 -17.69 15.77
CA CYS A 158 -3.72 -17.46 16.31
C CYS A 158 -2.65 -17.30 15.20
N SER A 159 -3.04 -17.58 13.97
CA SER A 159 -2.08 -17.54 12.86
C SER A 159 -1.74 -16.13 12.43
N GLU A 160 -0.50 -15.91 12.04
CA GLU A 160 -0.11 -14.61 11.43
C GLU A 160 -0.86 -14.36 10.10
N VAL A 161 -1.41 -15.40 9.48
CA VAL A 161 -2.17 -15.24 8.22
C VAL A 161 -3.65 -15.62 8.37
N TYR A 162 -4.18 -15.50 9.60
CA TYR A 162 -5.60 -15.74 9.82
C TYR A 162 -6.42 -14.83 8.90
N HIS A 163 -7.37 -15.38 8.16
CA HIS A 163 -8.17 -14.55 7.19
C HIS A 163 -9.36 -13.83 7.81
N GLY A 164 -9.71 -14.13 9.08
CA GLY A 164 -10.86 -13.50 9.72
C GLY A 164 -12.10 -14.36 9.48
N PRO A 165 -13.20 -14.04 10.13
CA PRO A 165 -14.41 -14.91 9.99
C PRO A 165 -15.11 -14.84 8.64
N HIS A 166 -14.96 -13.71 7.92
CA HIS A 166 -15.53 -13.62 6.55
C HIS A 166 -14.82 -12.46 5.85
N ALA A 167 -14.95 -12.39 4.53
CA ALA A 167 -14.29 -11.31 3.78
C ALA A 167 -14.77 -9.96 4.28
N ASN A 168 -13.86 -8.98 4.33
CA ASN A 168 -14.18 -7.67 4.84
C ASN A 168 -14.61 -7.59 6.30
N SER A 169 -14.30 -8.62 7.09
CA SER A 169 -14.62 -8.59 8.54
C SER A 169 -13.82 -7.51 9.25
N GLU A 170 -12.63 -7.23 8.74
CA GLU A 170 -11.79 -6.15 9.32
C GLU A 170 -12.26 -4.83 8.84
N VAL A 171 -12.65 -3.97 9.78
CA VAL A 171 -13.23 -2.70 9.38
C VAL A 171 -12.22 -1.83 8.59
N GLU A 172 -10.94 -2.02 8.83
CA GLU A 172 -9.92 -1.24 8.10
C GLU A 172 -9.98 -1.59 6.61
N VAL A 173 -10.22 -2.86 6.27
CA VAL A 173 -10.29 -3.35 4.88
C VAL A 173 -11.66 -2.94 4.30
N LYS A 174 -12.73 -3.17 5.06
CA LYS A 174 -14.08 -2.75 4.60
C LYS A 174 -14.11 -1.25 4.25
N SER A 175 -13.42 -0.45 5.04
CA SER A 175 -13.42 1.00 4.79
C SER A 175 -12.87 1.33 3.40
N VAL A 176 -11.76 0.69 3.04
CA VAL A 176 -11.13 0.94 1.75
C VAL A 176 -11.98 0.40 0.64
N VAL A 177 -12.46 -0.83 0.80
CA VAL A 177 -13.36 -1.45 -0.21
C VAL A 177 -14.57 -0.56 -0.47
N ASP A 178 -15.18 -0.09 0.61
CA ASP A 178 -16.38 0.75 0.46
C ASP A 178 -16.06 2.06 -0.24
N PHE A 179 -14.94 2.70 0.12
CA PHE A 179 -14.59 3.98 -0.48
C PHE A 179 -14.33 3.79 -1.97
N ILE A 180 -13.50 2.80 -2.32
CA ILE A 180 -13.20 2.54 -3.75
C ILE A 180 -14.44 2.25 -4.52
N GLN A 181 -15.34 1.42 -3.97
CA GLN A 181 -16.57 1.10 -4.67
C GLN A 181 -17.48 2.28 -4.89
N LYS A 182 -17.63 3.13 -3.88
CA LYS A 182 -18.49 4.29 -4.05
C LYS A 182 -17.89 5.32 -4.98
N HIS A 183 -16.58 5.49 -4.88
CA HIS A 183 -15.91 6.59 -5.58
C HIS A 183 -15.88 6.27 -7.07
N GLY A 184 -15.52 5.03 -7.38
CA GLY A 184 -15.48 4.53 -8.78
C GLY A 184 -14.25 4.96 -9.59
N ASN A 185 -14.13 4.32 -10.77
CA ASN A 185 -13.18 4.72 -11.83
C ASN A 185 -11.72 4.63 -11.39
N PHE A 186 -11.38 3.59 -10.63
CA PHE A 186 -9.98 3.30 -10.33
C PHE A 186 -9.29 2.56 -11.42
N LYS A 187 -8.13 3.06 -11.76
CA LYS A 187 -7.29 2.43 -12.80
C LYS A 187 -6.05 1.75 -12.27
N GLY A 188 -5.66 2.08 -11.03
CA GLY A 188 -4.45 1.47 -10.46
C GLY A 188 -4.67 1.26 -8.99
N PHE A 189 -4.02 0.25 -8.44
CA PHE A 189 -4.06 0.01 -6.99
C PHE A 189 -2.68 -0.54 -6.67
N ILE A 190 -1.89 0.20 -5.88
CA ILE A 190 -0.51 -0.22 -5.57
C ILE A 190 -0.35 -0.42 -4.07
N ASP A 191 0.08 -1.62 -3.65
CA ASP A 191 0.15 -1.90 -2.19
C ASP A 191 1.62 -1.96 -1.80
N LEU A 192 2.06 -1.11 -0.85
CA LEU A 192 3.48 -1.12 -0.36
C LEU A 192 3.65 -1.96 0.90
N HIS A 193 4.51 -2.96 0.77
CA HIS A 193 4.90 -3.81 1.91
C HIS A 193 6.41 -3.83 2.04
N SER A 194 6.89 -4.57 3.05
CA SER A 194 8.28 -4.99 3.04
C SER A 194 8.34 -6.41 3.67
N TYR A 195 9.40 -7.17 3.43
CA TYR A 195 10.59 -6.83 2.59
C TYR A 195 10.76 -7.96 1.62
N SER A 196 11.66 -7.74 0.64
CA SER A 196 12.19 -8.76 -0.25
C SER A 196 12.64 -8.16 -1.57
N GLN A 197 12.30 -6.89 -1.87
CA GLN A 197 12.64 -6.27 -3.21
C GLN A 197 12.01 -7.01 -4.38
N LEU A 198 10.67 -7.01 -4.38
CA LEU A 198 9.85 -7.72 -5.36
C LEU A 198 8.80 -6.73 -5.87
N LEU A 199 8.47 -6.83 -7.15
CA LEU A 199 7.35 -6.02 -7.67
C LEU A 199 6.45 -7.04 -8.32
N MET A 200 5.26 -7.23 -7.76
CA MET A 200 4.42 -8.34 -8.19
C MET A 200 3.04 -7.87 -8.65
N TYR A 201 2.37 -8.75 -9.38
CA TYR A 201 1.02 -8.48 -9.92
C TYR A 201 0.19 -9.74 -9.73
N PRO A 202 -1.10 -9.71 -10.03
CA PRO A 202 -1.92 -10.88 -9.70
C PRO A 202 -1.51 -12.11 -10.48
N TYR A 203 -1.77 -13.33 -9.97
CA TYR A 203 -2.56 -13.55 -8.79
C TYR A 203 -1.76 -14.22 -7.68
N GLY A 204 -2.22 -14.03 -6.47
CA GLY A 204 -1.71 -14.73 -5.30
C GLY A 204 -2.52 -15.98 -5.02
N TYR A 205 -3.79 -15.99 -5.42
CA TYR A 205 -4.70 -17.08 -5.02
C TYR A 205 -4.74 -18.24 -5.97
N SER A 206 -4.12 -18.08 -7.12
CA SER A 206 -4.16 -19.11 -8.16
C SER A 206 -2.97 -18.90 -9.06
N VAL A 207 -2.61 -19.92 -9.81
CA VAL A 207 -1.53 -19.79 -10.77
C VAL A 207 -2.05 -19.32 -12.14
N LYS A 208 -3.36 -19.09 -12.25
CA LYS A 208 -3.94 -18.75 -13.55
C LYS A 208 -3.38 -17.40 -13.98
N LYS A 209 -3.30 -17.21 -15.29
CA LYS A 209 -2.78 -15.98 -15.89
C LYS A 209 -3.84 -14.87 -15.90
N ALA A 210 -3.54 -13.74 -15.28
CA ALA A 210 -4.39 -12.54 -15.46
C ALA A 210 -4.48 -12.22 -16.94
N PRO A 211 -5.70 -11.80 -17.42
CA PRO A 211 -5.77 -11.42 -18.82
C PRO A 211 -4.74 -10.38 -19.22
N ASP A 212 -4.45 -9.45 -18.32
CA ASP A 212 -3.46 -8.41 -18.59
C ASP A 212 -2.02 -8.73 -18.19
N ALA A 213 -1.70 -10.01 -17.92
CA ALA A 213 -0.35 -10.36 -17.40
C ALA A 213 0.82 -9.84 -18.27
N GLU A 214 0.71 -9.96 -19.58
CA GLU A 214 1.83 -9.57 -20.43
C GLU A 214 2.10 -8.08 -20.22
N GLU A 215 1.03 -7.28 -20.16
CA GLU A 215 1.23 -5.84 -19.96
C GLU A 215 1.68 -5.54 -18.56
N LEU A 216 1.08 -6.21 -17.57
CA LEU A 216 1.49 -5.89 -16.19
C LEU A 216 2.98 -6.22 -15.99
N ASP A 217 3.45 -7.30 -16.62
CA ASP A 217 4.84 -7.72 -16.38
C ASP A 217 5.75 -6.69 -17.05
N LYS A 218 5.33 -6.21 -18.23
CA LYS A 218 6.14 -5.27 -19.00
C LYS A 218 6.27 -3.97 -18.19
N VAL A 219 5.16 -3.49 -17.64
CA VAL A 219 5.15 -2.27 -16.85
C VAL A 219 5.97 -2.48 -15.57
N ALA A 220 5.81 -3.63 -14.90
CA ALA A 220 6.60 -3.87 -13.66
C ALA A 220 8.09 -3.87 -13.99
N ARG A 221 8.48 -4.45 -15.13
CA ARG A 221 9.92 -4.51 -15.46
C ARG A 221 10.46 -3.10 -15.72
N LEU A 222 9.68 -2.27 -16.40
CA LEU A 222 10.12 -0.90 -16.63
C LEU A 222 10.24 -0.17 -15.33
N ALA A 223 9.29 -0.39 -14.43
CA ALA A 223 9.32 0.27 -13.11
C ALA A 223 10.54 -0.19 -12.29
N ALA A 224 10.81 -1.50 -12.32
CA ALA A 224 11.99 -2.01 -11.60
C ALA A 224 13.28 -1.41 -12.15
N LYS A 225 13.39 -1.27 -13.49
CA LYS A 225 14.55 -0.67 -14.11
C LYS A 225 14.69 0.79 -13.67
N ALA A 226 13.58 1.53 -13.63
CA ALA A 226 13.63 2.92 -13.14
C ALA A 226 14.06 2.99 -11.67
N LEU A 227 13.46 2.14 -10.84
CA LEU A 227 13.86 2.05 -9.43
C LEU A 227 15.36 1.76 -9.30
N ALA A 228 15.88 0.80 -10.07
CA ALA A 228 17.31 0.43 -9.95
C ALA A 228 18.23 1.59 -10.39
N SER A 229 17.72 2.53 -11.19
CA SER A 229 18.58 3.60 -11.72
C SER A 229 19.03 4.57 -10.65
N VAL A 230 18.34 4.61 -9.51
CA VAL A 230 18.72 5.57 -8.48
C VAL A 230 19.98 5.19 -7.69
N SER A 231 20.08 3.95 -7.23
CA SER A 231 21.19 3.57 -6.39
C SER A 231 21.59 2.12 -6.62
N GLY A 232 21.02 1.50 -7.65
CA GLY A 232 21.33 0.11 -8.02
C GLY A 232 20.52 -1.00 -7.37
N THR A 233 19.43 -0.66 -6.67
CA THR A 233 18.63 -1.67 -5.97
C THR A 233 17.89 -2.57 -6.95
N GLU A 234 18.16 -3.87 -6.89
CA GLU A 234 17.54 -4.80 -7.84
C GLU A 234 16.27 -5.45 -7.31
N TYR A 235 15.24 -5.46 -8.15
CA TYR A 235 13.95 -6.09 -7.82
C TYR A 235 13.66 -7.24 -8.76
N GLN A 236 12.97 -8.28 -8.27
CA GLN A 236 12.47 -9.35 -9.12
C GLN A 236 11.00 -9.07 -9.37
N VAL A 237 10.50 -9.56 -10.51
CA VAL A 237 9.13 -9.24 -10.96
C VAL A 237 8.41 -10.52 -11.29
N GLY A 238 7.14 -10.59 -10.95
CA GLY A 238 6.30 -11.71 -11.40
C GLY A 238 4.96 -11.76 -10.69
N PRO A 239 4.15 -12.79 -10.98
CA PRO A 239 2.87 -12.92 -10.28
C PRO A 239 3.11 -13.32 -8.83
N THR A 240 2.28 -12.82 -7.91
CA THR A 240 2.49 -13.09 -6.48
C THR A 240 2.73 -14.57 -6.19
N CYS A 241 1.85 -15.42 -6.67
CA CYS A 241 1.88 -16.82 -6.25
C CYS A 241 3.24 -17.51 -6.39
N THR A 242 3.86 -17.33 -7.54
CA THR A 242 5.19 -17.93 -7.73
C THR A 242 6.37 -17.04 -7.38
N THR A 243 6.15 -15.75 -7.19
CA THR A 243 7.25 -14.83 -6.91
C THR A 243 7.52 -14.66 -5.40
N VAL A 244 6.48 -14.81 -4.59
CA VAL A 244 6.68 -14.85 -3.14
C VAL A 244 6.07 -16.14 -2.58
N TYR A 245 4.76 -16.32 -2.67
CA TYR A 245 4.08 -17.56 -2.19
C TYR A 245 2.58 -17.41 -2.51
N PRO A 246 1.84 -18.52 -2.50
CA PRO A 246 0.38 -18.41 -2.57
C PRO A 246 -0.19 -17.56 -1.45
N ALA A 247 -1.15 -16.70 -1.78
CA ALA A 247 -1.81 -15.92 -0.76
C ALA A 247 -3.19 -15.54 -1.27
N SER A 248 -4.21 -15.96 -0.58
CA SER A 248 -5.58 -15.65 -0.98
C SER A 248 -6.12 -14.48 -0.17
N GLY A 249 -7.11 -13.81 -0.73
CA GLY A 249 -7.75 -12.73 0.00
C GLY A 249 -6.85 -11.51 0.05
N SER A 250 -5.96 -11.33 -0.95
CA SER A 250 -5.07 -10.16 -0.90
C SER A 250 -5.61 -8.96 -1.63
N SER A 251 -5.10 -7.80 -1.26
CA SER A 251 -5.62 -6.54 -1.75
C SER A 251 -5.52 -6.37 -3.26
N ILE A 252 -4.37 -6.72 -3.86
CA ILE A 252 -4.23 -6.47 -5.28
C ILE A 252 -5.07 -7.44 -6.11
N ASP A 253 -5.31 -8.65 -5.60
CA ASP A 253 -6.14 -9.62 -6.33
C ASP A 253 -7.60 -9.13 -6.25
N TRP A 254 -8.02 -8.60 -5.10
CA TRP A 254 -9.35 -8.03 -5.04
C TRP A 254 -9.47 -6.83 -6.02
N ALA A 255 -8.48 -5.95 -6.03
CA ALA A 255 -8.57 -4.81 -6.94
C ALA A 255 -8.67 -5.27 -8.38
N TYR A 256 -7.81 -6.20 -8.78
CA TYR A 256 -7.82 -6.65 -10.18
C TYR A 256 -9.10 -7.40 -10.55
N ASP A 257 -9.57 -8.24 -9.65
CA ASP A 257 -10.81 -8.98 -9.90
C ASP A 257 -12.03 -8.04 -9.96
N ASN A 258 -11.87 -6.83 -9.41
CA ASN A 258 -12.90 -5.79 -9.47
C ASN A 258 -12.66 -4.78 -10.55
N GLY A 259 -11.78 -5.13 -11.49
CA GLY A 259 -11.61 -4.34 -12.68
C GLY A 259 -10.54 -3.26 -12.66
N ILE A 260 -9.76 -3.16 -11.56
CA ILE A 260 -8.70 -2.19 -11.51
C ILE A 260 -7.47 -2.79 -12.15
N LYS A 261 -7.08 -2.25 -13.31
CA LYS A 261 -6.18 -2.94 -14.22
C LYS A 261 -4.75 -3.00 -13.70
N PHE A 262 -4.24 -1.86 -13.25
CA PHE A 262 -2.86 -1.79 -12.82
C PHE A 262 -2.69 -2.02 -11.34
N ALA A 263 -2.72 -3.32 -11.00
CA ALA A 263 -2.69 -3.80 -9.61
C ALA A 263 -1.31 -4.39 -9.34
N PHE A 264 -0.56 -3.73 -8.45
CA PHE A 264 0.80 -4.15 -8.10
C PHE A 264 1.09 -4.11 -6.62
N THR A 265 1.89 -5.07 -6.16
CA THR A 265 2.46 -5.05 -4.77
C THR A 265 3.97 -4.77 -4.85
N PHE A 266 4.46 -3.77 -4.11
CA PHE A 266 5.90 -3.67 -3.91
C PHE A 266 6.27 -4.30 -2.59
N GLU A 267 7.30 -5.13 -2.57
CA GLU A 267 7.96 -5.56 -1.32
C GLU A 267 9.21 -4.74 -1.32
N LEU A 268 9.27 -3.75 -0.45
CA LEU A 268 10.41 -2.83 -0.46
C LEU A 268 11.65 -3.44 0.20
N ARG A 269 12.64 -2.60 0.47
CA ARG A 269 13.96 -3.08 0.95
C ARG A 269 13.79 -3.73 2.35
N ASP A 270 14.67 -4.66 2.76
CA ASP A 270 15.81 -5.15 1.95
C ASP A 270 15.60 -6.60 1.53
N THR A 271 16.67 -7.38 1.48
CA THR A 271 16.51 -8.78 1.09
C THR A 271 16.75 -9.70 2.27
N GLY A 272 16.73 -9.15 3.48
CA GLY A 272 16.81 -9.97 4.69
C GLY A 272 17.91 -9.62 5.68
N THR A 273 18.85 -8.78 5.27
CA THR A 273 19.91 -8.39 6.22
C THR A 273 19.28 -7.79 7.47
N TYR A 274 18.36 -6.85 7.32
CA TYR A 274 17.66 -6.29 8.47
C TYR A 274 16.19 -6.65 8.43
N GLY A 275 15.68 -7.04 7.27
CA GLY A 275 14.27 -7.48 7.19
C GLY A 275 13.33 -6.35 7.58
N PHE A 276 12.36 -6.62 8.45
CA PHE A 276 11.39 -5.58 8.89
C PHE A 276 12.02 -4.47 9.67
N LEU A 277 13.21 -4.74 10.24
CA LEU A 277 13.83 -3.77 11.13
C LEU A 277 14.79 -2.87 10.34
N LEU A 278 14.31 -2.32 9.24
CA LEU A 278 15.20 -1.56 8.37
C LEU A 278 15.63 -0.28 9.08
N PRO A 279 16.95 0.00 9.12
CA PRO A 279 17.44 1.20 9.81
C PRO A 279 16.88 2.48 9.18
N ALA A 280 16.69 3.49 10.02
CA ALA A 280 16.10 4.75 9.56
C ALA A 280 16.93 5.42 8.47
N ASN A 281 18.23 5.18 8.46
CA ASN A 281 19.06 5.82 7.43
C ASN A 281 18.82 5.29 6.01
N GLN A 282 17.95 4.28 5.90
CA GLN A 282 17.60 3.74 4.58
C GLN A 282 16.22 4.24 4.14
N ILE A 283 15.55 5.05 4.97
CA ILE A 283 14.18 5.45 4.62
C ILE A 283 14.19 6.33 3.36
N ILE A 284 14.96 7.40 3.38
CA ILE A 284 14.98 8.32 2.23
C ILE A 284 15.54 7.64 0.97
N PRO A 285 16.65 6.88 1.06
CA PRO A 285 17.05 6.14 -0.17
C PRO A 285 16.01 5.17 -0.68
N THR A 286 15.31 4.48 0.21
CA THR A 286 14.25 3.58 -0.25
C THR A 286 13.14 4.40 -0.94
N ALA A 287 12.75 5.48 -0.29
CA ALA A 287 11.60 6.25 -0.79
C ALA A 287 11.94 6.92 -2.13
N GLU A 288 13.16 7.45 -2.26
CA GLU A 288 13.63 8.04 -3.53
C GLU A 288 13.56 7.05 -4.71
N GLU A 289 14.04 5.84 -4.50
CA GLU A 289 14.07 4.91 -5.61
C GLU A 289 12.65 4.40 -5.89
N THR A 290 11.87 4.16 -4.83
CA THR A 290 10.53 3.63 -4.99
C THR A 290 9.70 4.65 -5.78
N TRP A 291 9.99 5.93 -5.59
CA TRP A 291 9.26 6.97 -6.29
C TRP A 291 9.39 6.83 -7.80
N LEU A 292 10.56 6.46 -8.28
CA LEU A 292 10.73 6.34 -9.73
C LEU A 292 9.94 5.12 -10.20
N GLY A 293 9.86 4.09 -9.37
CA GLY A 293 8.99 2.96 -9.72
C GLY A 293 7.51 3.35 -9.78
N LEU A 294 7.03 4.00 -8.72
CA LEU A 294 5.63 4.45 -8.70
C LEU A 294 5.31 5.41 -9.82
N LYS A 295 6.18 6.38 -10.05
CA LYS A 295 6.02 7.27 -11.21
C LYS A 295 5.94 6.54 -12.54
N THR A 296 6.79 5.53 -12.74
CA THR A 296 6.75 4.77 -13.98
C THR A 296 5.37 4.12 -14.15
N ILE A 297 4.84 3.52 -13.08
CA ILE A 297 3.55 2.86 -13.21
C ILE A 297 2.47 3.90 -13.51
N MET A 298 2.50 5.00 -12.77
CA MET A 298 1.49 6.04 -12.99
C MET A 298 1.59 6.73 -14.35
N GLU A 299 2.81 6.84 -14.88
CA GLU A 299 3.00 7.34 -16.25
C GLU A 299 2.33 6.41 -17.24
N HIS A 300 2.43 5.11 -16.99
CA HIS A 300 1.74 4.19 -17.86
C HIS A 300 0.24 4.29 -17.78
N VAL A 301 -0.33 4.48 -16.58
CA VAL A 301 -1.77 4.70 -16.45
C VAL A 301 -2.12 5.96 -17.22
N ARG A 302 -1.35 7.03 -17.00
CA ARG A 302 -1.59 8.31 -17.68
C ARG A 302 -1.67 8.16 -19.19
N ASP A 303 -0.74 7.38 -19.72
CA ASP A 303 -0.58 7.22 -21.17
C ASP A 303 -1.64 6.29 -21.77
N ASN A 304 -2.43 5.66 -20.90
CA ASN A 304 -3.58 4.89 -21.30
C ASN A 304 -4.88 5.71 -21.21
N LEU A 305 -4.75 6.99 -20.82
CA LEU A 305 -5.90 7.87 -20.63
C LEU A 305 -6.00 8.93 -21.74
N PHE B 1 13.09 -16.12 3.84
CA PHE B 1 12.50 -15.50 5.07
C PHE B 1 11.75 -16.56 5.88
N ASN B 2 11.44 -16.24 7.13
CA ASN B 2 10.77 -17.19 8.01
C ASN B 2 9.40 -16.77 8.44
N ARG B 3 9.06 -15.52 8.18
CA ARG B 3 7.71 -15.04 8.45
C ARG B 3 7.17 -14.30 7.23
N PRO B 4 5.84 -14.27 7.08
CA PRO B 4 5.31 -13.63 5.89
C PRO B 4 5.57 -12.10 5.82
N VAL B 5 5.53 -11.64 4.59
CA VAL B 5 5.98 -10.25 4.29
C VAL B 5 4.82 -9.32 3.79
#